data_5XO0
#
_entry.id   5XO0
#
_cell.length_a   140.250
_cell.length_b   140.250
_cell.length_c   59.240
_cell.angle_alpha   90.00
_cell.angle_beta   90.00
_cell.angle_gamma   120.00
#
_symmetry.space_group_name_H-M   'P 31 2 1'
#
loop_
_entity.id
_entity.type
_entity.pdbx_description
1 polymer 'Ischorismate lyase'
2 water water
#
_entity_poly.entity_id   1
_entity_poly.type   'polypeptide(L)'
_entity_poly.pdbx_seq_one_letter_code
;GAMAIPKIASYQVLPLESFPTNKVDWVIDPKKSVVLVHDLQAYFLNFFDKTLSPVPELLRNVNKVTESARSAGIPVVYTA
QPANQDPNERALLTDFWGVGLTQDTEIVPEVSPQPEDIQYTKWRYSAFKKTPLLEWMKEEQRDQLVIVGVYGHIGILSTA
LDAFMLDIKPFVIGDAIADFSKEDHMNTLKYVASRSGSVKSVDEFIDSVTTRSFGELS
;
_entity_poly.pdbx_strand_id   A,B
#
# COMPACT_ATOMS: atom_id res chain seq x y z
N ALA A 2 -6.45 3.36 20.20
CA ALA A 2 -7.20 3.49 18.97
C ALA A 2 -7.61 4.93 18.68
N MET A 3 -7.43 5.36 17.42
CA MET A 3 -7.77 6.69 16.91
C MET A 3 -9.21 6.70 16.45
N ALA A 4 -9.86 7.86 16.47
CA ALA A 4 -11.20 8.00 15.91
C ALA A 4 -10.97 8.63 14.54
N ILE A 5 -11.87 8.39 13.54
CA ILE A 5 -11.75 9.07 12.24
C ILE A 5 -11.99 10.55 12.65
N PRO A 6 -11.10 11.50 12.28
CA PRO A 6 -11.30 12.86 12.77
C PRO A 6 -12.52 13.57 12.17
N LYS A 7 -12.97 14.65 12.83
CA LYS A 7 -14.02 15.46 12.23
C LYS A 7 -13.21 16.12 11.11
N ILE A 8 -13.50 15.75 9.87
CA ILE A 8 -12.72 16.23 8.73
C ILE A 8 -13.08 17.66 8.37
N ALA A 9 -12.10 18.56 8.47
CA ALA A 9 -12.28 19.97 8.10
C ALA A 9 -12.49 20.04 6.58
N SER A 10 -13.40 20.89 6.15
CA SER A 10 -13.73 21.06 4.73
C SER A 10 -12.51 21.57 3.96
N TYR A 11 -12.44 21.28 2.65
CA TYR A 11 -11.33 21.74 1.79
C TYR A 11 -11.77 21.76 0.33
N GLN A 12 -11.06 22.54 -0.51
CA GLN A 12 -11.36 22.67 -1.93
C GLN A 12 -10.91 21.46 -2.75
N VAL A 13 -11.75 21.06 -3.73
CA VAL A 13 -11.43 19.97 -4.65
C VAL A 13 -10.21 20.49 -5.47
N LEU A 14 -9.18 19.67 -5.58
CA LEU A 14 -7.91 19.96 -6.25
C LEU A 14 -8.13 20.47 -7.68
N PRO A 15 -7.57 21.63 -8.08
CA PRO A 15 -7.74 22.08 -9.48
C PRO A 15 -7.17 21.05 -10.45
N LEU A 16 -7.85 20.84 -11.58
CA LEU A 16 -7.45 19.86 -12.61
C LEU A 16 -6.01 20.07 -13.10
N GLU A 17 -5.57 21.34 -13.16
CA GLU A 17 -4.22 21.73 -13.56
C GLU A 17 -3.14 21.23 -12.57
N SER A 18 -3.53 20.99 -11.30
CA SER A 18 -2.62 20.55 -10.23
C SER A 18 -2.47 19.01 -10.13
N PHE A 19 -3.25 18.25 -10.92
CA PHE A 19 -3.16 16.78 -10.90
C PHE A 19 -1.73 16.36 -11.29
N PRO A 20 -1.11 15.39 -10.59
CA PRO A 20 0.25 14.98 -10.98
C PRO A 20 0.28 14.33 -12.36
N THR A 21 1.41 14.46 -13.06
CA THR A 21 1.59 13.88 -14.39
C THR A 21 1.73 12.35 -14.28
N ASN A 22 1.04 11.63 -15.18
CA ASN A 22 1.12 10.17 -15.23
C ASN A 22 2.44 9.71 -15.81
N LYS A 23 3.02 8.69 -15.17
CA LYS A 23 4.27 8.07 -15.64
C LYS A 23 3.91 7.03 -16.71
N VAL A 24 2.76 6.37 -16.57
CA VAL A 24 2.29 5.37 -17.53
C VAL A 24 1.30 6.03 -18.48
N ASP A 25 1.13 5.45 -19.67
CA ASP A 25 0.24 6.03 -20.68
C ASP A 25 -0.95 5.12 -21.01
N TRP A 26 -1.46 4.42 -19.98
CA TRP A 26 -2.64 3.56 -20.12
C TRP A 26 -3.85 4.41 -20.45
N VAL A 27 -4.77 3.85 -21.23
CA VAL A 27 -6.00 4.51 -21.63
C VAL A 27 -7.16 3.65 -21.13
N ILE A 28 -8.17 4.28 -20.50
CA ILE A 28 -9.36 3.57 -20.00
C ILE A 28 -10.11 3.03 -21.21
N ASP A 29 -10.36 1.71 -21.20
CA ASP A 29 -11.04 0.99 -22.28
C ASP A 29 -12.40 0.54 -21.75
N PRO A 30 -13.54 0.98 -22.35
CA PRO A 30 -14.86 0.56 -21.84
C PRO A 30 -15.12 -0.95 -21.86
N LYS A 31 -14.41 -1.69 -22.74
CA LYS A 31 -14.54 -3.15 -22.84
C LYS A 31 -13.76 -3.89 -21.73
N LYS A 32 -12.77 -3.23 -21.11
CA LYS A 32 -11.90 -3.91 -20.13
C LYS A 32 -11.96 -3.33 -18.72
N SER A 33 -12.83 -2.35 -18.48
CA SER A 33 -12.86 -1.66 -17.19
C SER A 33 -14.09 -1.96 -16.31
N VAL A 34 -13.92 -1.67 -15.01
CA VAL A 34 -14.92 -1.80 -13.96
C VAL A 34 -14.80 -0.51 -13.12
N VAL A 35 -15.95 0.05 -12.69
CA VAL A 35 -15.88 1.21 -11.79
C VAL A 35 -16.08 0.70 -10.37
N LEU A 36 -15.18 1.07 -9.46
CA LEU A 36 -15.31 0.77 -8.06
C LEU A 36 -15.74 2.05 -7.28
N VAL A 37 -16.90 1.98 -6.60
CA VAL A 37 -17.37 3.07 -5.73
C VAL A 37 -16.96 2.60 -4.34
N HIS A 38 -15.86 3.15 -3.85
CA HIS A 38 -15.20 2.70 -2.63
C HIS A 38 -15.72 3.36 -1.36
N ASP A 39 -16.42 2.55 -0.54
CA ASP A 39 -16.93 2.82 0.81
C ASP A 39 -17.64 4.15 0.99
N LEU A 40 -18.55 4.48 0.05
CA LEU A 40 -19.35 5.71 0.13
C LEU A 40 -20.58 5.52 1.00
N GLN A 41 -20.34 5.10 2.24
CA GLN A 41 -21.35 4.84 3.25
C GLN A 41 -21.59 6.09 4.10
N ALA A 42 -22.81 6.21 4.68
CA ALA A 42 -23.17 7.32 5.57
C ALA A 42 -22.13 7.46 6.70
N TYR A 43 -21.72 6.34 7.30
CA TYR A 43 -20.74 6.33 8.39
C TYR A 43 -19.44 7.08 8.02
N PHE A 44 -18.84 6.75 6.87
CA PHE A 44 -17.59 7.38 6.46
C PHE A 44 -17.76 8.82 6.00
N LEU A 45 -18.82 9.10 5.26
CA LEU A 45 -19.04 10.48 4.76
C LEU A 45 -19.53 11.45 5.84
N ASN A 46 -20.17 10.94 6.91
CA ASN A 46 -20.67 11.80 7.99
C ASN A 46 -19.55 12.42 8.85
N PHE A 47 -18.28 11.97 8.69
CA PHE A 47 -17.13 12.57 9.38
C PHE A 47 -16.81 13.95 8.79
N PHE A 48 -17.40 14.28 7.62
CA PHE A 48 -17.29 15.58 6.97
C PHE A 48 -18.57 16.36 7.25
N ASP A 49 -18.52 17.68 7.03
CA ASP A 49 -19.73 18.48 6.94
C ASP A 49 -20.03 18.28 5.43
N LYS A 50 -21.07 17.48 5.13
CA LYS A 50 -21.46 17.09 3.76
C LYS A 50 -21.98 18.24 2.89
N THR A 51 -22.32 19.39 3.50
CA THR A 51 -22.80 20.53 2.72
C THR A 51 -21.61 21.31 2.14
N LEU A 52 -20.40 21.01 2.60
CA LEU A 52 -19.20 21.75 2.20
C LEU A 52 -18.25 20.91 1.37
N SER A 53 -17.48 21.57 0.49
CA SER A 53 -16.46 20.88 -0.31
C SER A 53 -15.56 20.05 0.62
N PRO A 54 -15.07 18.87 0.17
CA PRO A 54 -15.20 18.32 -1.19
C PRO A 54 -16.42 17.43 -1.42
N VAL A 55 -17.33 17.32 -0.42
CA VAL A 55 -18.41 16.31 -0.48
C VAL A 55 -19.45 16.55 -1.59
N PRO A 56 -20.11 17.73 -1.78
CA PRO A 56 -21.06 17.84 -2.90
C PRO A 56 -20.45 17.54 -4.26
N GLU A 57 -19.20 18.00 -4.51
CA GLU A 57 -18.49 17.75 -5.77
C GLU A 57 -18.20 16.28 -5.92
N LEU A 58 -17.76 15.62 -4.82
CA LEU A 58 -17.47 14.18 -4.81
C LEU A 58 -18.70 13.39 -5.26
N LEU A 59 -19.88 13.67 -4.65
CA LEU A 59 -21.10 12.92 -4.94
C LEU A 59 -21.62 13.16 -6.36
N ARG A 60 -21.55 14.40 -6.84
CA ARG A 60 -21.99 14.70 -8.19
C ARG A 60 -21.05 14.09 -9.23
N ASN A 61 -19.75 14.05 -8.94
CA ASN A 61 -18.73 13.46 -9.81
C ASN A 61 -18.79 11.95 -9.82
N VAL A 62 -19.10 11.32 -8.67
CA VAL A 62 -19.29 9.86 -8.59
C VAL A 62 -20.51 9.53 -9.49
N ASN A 63 -21.60 10.32 -9.40
CA ASN A 63 -22.78 10.11 -10.25
C ASN A 63 -22.44 10.24 -11.72
N LYS A 64 -21.62 11.25 -12.08
CA LYS A 64 -21.18 11.43 -13.46
C LYS A 64 -20.40 10.19 -13.95
N VAL A 65 -19.52 9.62 -13.09
CA VAL A 65 -18.72 8.43 -13.45
C VAL A 65 -19.63 7.20 -13.63
N THR A 66 -20.49 6.90 -12.63
CA THR A 66 -21.35 5.71 -12.69
C THR A 66 -22.39 5.77 -13.83
N GLU A 67 -22.99 6.96 -14.09
CA GLU A 67 -23.97 7.09 -15.18
C GLU A 67 -23.33 6.81 -16.54
N SER A 68 -22.14 7.41 -16.80
CA SER A 68 -21.47 7.17 -18.08
C SER A 68 -20.95 5.73 -18.18
N ALA A 69 -20.54 5.14 -17.02
CA ALA A 69 -20.09 3.73 -16.97
C ALA A 69 -21.25 2.81 -17.38
N ARG A 70 -22.45 2.99 -16.75
CA ARG A 70 -23.62 2.15 -17.06
C ARG A 70 -24.07 2.26 -18.51
N SER A 71 -23.97 3.48 -19.08
CA SER A 71 -24.33 3.71 -20.49
C SER A 71 -23.34 3.02 -21.44
N ALA A 72 -22.06 2.86 -21.03
CA ALA A 72 -21.02 2.19 -21.82
C ALA A 72 -20.93 0.67 -21.53
N GLY A 73 -21.82 0.14 -20.69
CA GLY A 73 -21.84 -1.28 -20.32
C GLY A 73 -20.72 -1.67 -19.37
N ILE A 74 -20.17 -0.67 -18.64
CA ILE A 74 -19.09 -0.89 -17.68
C ILE A 74 -19.73 -1.27 -16.37
N PRO A 75 -19.40 -2.44 -15.80
CA PRO A 75 -19.98 -2.81 -14.49
C PRO A 75 -19.55 -1.84 -13.39
N VAL A 76 -20.46 -1.59 -12.45
CA VAL A 76 -20.21 -0.72 -11.29
C VAL A 76 -20.28 -1.59 -10.04
N VAL A 77 -19.22 -1.54 -9.23
CA VAL A 77 -19.10 -2.31 -7.99
C VAL A 77 -19.00 -1.34 -6.81
N TYR A 78 -19.80 -1.56 -5.77
CA TYR A 78 -19.74 -0.77 -4.53
C TYR A 78 -19.15 -1.65 -3.44
N THR A 79 -18.34 -1.07 -2.55
CA THR A 79 -17.85 -1.77 -1.36
C THR A 79 -18.46 -1.07 -0.17
N ALA A 80 -18.77 -1.83 0.87
CA ALA A 80 -19.34 -1.30 2.11
C ALA A 80 -18.90 -2.19 3.27
N GLN A 81 -18.44 -1.57 4.36
CA GLN A 81 -18.08 -2.31 5.57
C GLN A 81 -19.36 -2.73 6.31
N PRO A 82 -19.40 -3.95 6.89
CA PRO A 82 -20.61 -4.35 7.64
C PRO A 82 -20.55 -3.84 9.08
N ALA A 83 -21.73 -3.69 9.72
CA ALA A 83 -21.79 -3.23 11.10
C ALA A 83 -21.37 -4.36 12.02
N ASN A 84 -20.88 -4.01 13.24
CA ASN A 84 -20.55 -4.95 14.32
C ASN A 84 -19.66 -6.09 13.88
N GLN A 85 -18.53 -5.74 13.28
CA GLN A 85 -17.57 -6.73 12.78
C GLN A 85 -17.06 -7.58 13.91
N ASP A 86 -17.04 -8.90 13.70
CA ASP A 86 -16.52 -9.87 14.67
C ASP A 86 -15.04 -9.45 14.93
N PRO A 87 -14.65 -9.18 16.22
CA PRO A 87 -13.25 -8.79 16.50
C PRO A 87 -12.18 -9.67 15.86
N ASN A 88 -12.43 -10.98 15.75
CA ASN A 88 -11.51 -11.92 15.08
C ASN A 88 -11.40 -11.65 13.59
N GLU A 89 -12.51 -11.21 12.97
CA GLU A 89 -12.48 -10.88 11.54
C GLU A 89 -11.89 -9.49 11.32
N ARG A 90 -12.20 -8.54 12.24
CA ARG A 90 -11.69 -7.16 12.13
C ARG A 90 -10.18 -7.10 12.40
N ALA A 91 -9.70 -7.98 13.28
CA ALA A 91 -8.28 -8.19 13.63
C ALA A 91 -7.50 -6.87 13.93
N LEU A 92 -6.41 -6.56 13.20
CA LEU A 92 -5.53 -5.42 13.48
C LEU A 92 -6.12 -4.03 13.26
N LEU A 93 -7.26 -3.91 12.53
CA LEU A 93 -7.93 -2.62 12.37
C LEU A 93 -8.37 -2.04 13.73
N THR A 94 -8.78 -2.89 14.67
CA THR A 94 -9.24 -2.47 16.00
C THR A 94 -8.17 -1.70 16.76
N ASP A 95 -6.91 -2.14 16.64
CA ASP A 95 -5.75 -1.53 17.28
C ASP A 95 -5.59 -0.06 16.84
N PHE A 96 -5.84 0.23 15.57
CA PHE A 96 -5.73 1.61 15.05
C PHE A 96 -7.03 2.42 15.14
N TRP A 97 -8.18 1.79 14.86
CA TRP A 97 -9.44 2.53 14.69
C TRP A 97 -10.60 2.15 15.62
N GLY A 98 -10.41 1.19 16.50
CA GLY A 98 -11.49 0.77 17.39
C GLY A 98 -12.37 -0.30 16.78
N VAL A 99 -13.54 -0.54 17.39
CA VAL A 99 -14.44 -1.62 17.00
C VAL A 99 -15.10 -1.45 15.61
N GLY A 100 -15.07 -0.24 15.05
CA GLY A 100 -15.65 0.00 13.74
C GLY A 100 -17.12 0.36 13.80
N LEU A 101 -17.73 0.62 12.64
CA LEU A 101 -19.13 1.06 12.57
C LEU A 101 -20.12 0.06 13.13
N THR A 102 -21.17 0.58 13.78
CA THR A 102 -22.23 -0.23 14.38
C THR A 102 -23.58 0.09 13.70
N GLN A 103 -23.58 1.10 12.82
CA GLN A 103 -24.77 1.61 12.12
C GLN A 103 -24.32 2.53 10.98
N ASP A 104 -25.28 3.16 10.28
CA ASP A 104 -25.05 4.06 9.15
C ASP A 104 -24.26 3.35 8.03
N THR A 105 -24.58 2.05 7.82
CA THR A 105 -23.91 1.22 6.81
C THR A 105 -24.40 1.49 5.39
N GLU A 106 -25.56 2.17 5.24
CA GLU A 106 -26.11 2.36 3.90
C GLU A 106 -25.24 3.24 3.03
N ILE A 107 -25.26 2.99 1.71
CA ILE A 107 -24.58 3.85 0.74
C ILE A 107 -25.38 5.16 0.78
N VAL A 108 -24.71 6.33 0.73
CA VAL A 108 -25.45 7.60 0.79
C VAL A 108 -26.45 7.68 -0.37
N PRO A 109 -27.68 8.22 -0.13
CA PRO A 109 -28.71 8.21 -1.18
C PRO A 109 -28.35 8.87 -2.49
N GLU A 110 -27.47 9.91 -2.48
CA GLU A 110 -27.07 10.59 -3.71
C GLU A 110 -26.45 9.66 -4.75
N VAL A 111 -25.75 8.59 -4.30
CA VAL A 111 -25.03 7.65 -5.16
C VAL A 111 -25.52 6.21 -4.99
N SER A 112 -26.74 6.05 -4.49
CA SER A 112 -27.39 4.76 -4.24
C SER A 112 -27.23 3.76 -5.42
N PRO A 113 -26.87 2.48 -5.14
CA PRO A 113 -26.66 1.53 -6.25
C PRO A 113 -27.91 1.27 -7.08
N GLN A 114 -27.68 1.00 -8.35
CA GLN A 114 -28.76 0.67 -9.29
C GLN A 114 -28.97 -0.86 -9.22
N PRO A 115 -30.12 -1.41 -9.66
CA PRO A 115 -30.35 -2.87 -9.51
C PRO A 115 -29.29 -3.80 -10.11
N GLU A 116 -28.70 -3.43 -11.26
CA GLU A 116 -27.71 -4.20 -11.99
C GLU A 116 -26.28 -4.13 -11.36
N ASP A 117 -26.04 -3.16 -10.45
CA ASP A 117 -24.73 -2.97 -9.81
C ASP A 117 -24.37 -4.08 -8.85
N ILE A 118 -23.07 -4.30 -8.65
CA ILE A 118 -22.55 -5.31 -7.73
C ILE A 118 -22.25 -4.64 -6.38
N GLN A 119 -22.53 -5.34 -5.29
CA GLN A 119 -22.25 -4.80 -3.95
C GLN A 119 -21.48 -5.86 -3.16
N TYR A 120 -20.27 -5.52 -2.70
CA TYR A 120 -19.43 -6.42 -1.90
C TYR A 120 -19.26 -5.87 -0.49
N THR A 121 -19.16 -6.81 0.47
CA THR A 121 -18.87 -6.55 1.89
C THR A 121 -17.35 -6.40 2.00
N LYS A 122 -16.90 -5.23 2.49
CA LYS A 122 -15.51 -4.79 2.64
C LYS A 122 -14.99 -5.13 4.03
N TRP A 123 -13.75 -5.67 4.11
CA TRP A 123 -13.16 -6.07 5.40
C TRP A 123 -11.82 -5.41 5.73
N ARG A 124 -11.10 -4.89 4.71
CA ARG A 124 -9.76 -4.31 4.91
C ARG A 124 -9.68 -3.03 4.08
N TYR A 125 -8.56 -2.29 4.21
CA TYR A 125 -8.29 -1.07 3.41
C TYR A 125 -8.49 -1.39 1.93
N SER A 126 -7.88 -2.49 1.44
CA SER A 126 -8.01 -2.92 0.05
C SER A 126 -9.31 -3.63 -0.23
N ALA A 127 -9.98 -3.22 -1.31
CA ALA A 127 -11.24 -3.82 -1.79
C ALA A 127 -11.02 -5.26 -2.32
N PHE A 128 -9.76 -5.71 -2.46
CA PHE A 128 -9.46 -7.07 -2.94
C PHE A 128 -9.41 -8.10 -1.81
N LYS A 129 -9.16 -7.66 -0.57
CA LYS A 129 -9.01 -8.61 0.55
C LYS A 129 -10.34 -9.14 1.03
N LYS A 130 -10.50 -10.48 1.07
CA LYS A 130 -11.71 -11.15 1.55
C LYS A 130 -12.98 -10.81 0.73
N THR A 131 -12.82 -10.41 -0.54
CA THR A 131 -13.94 -10.13 -1.44
C THR A 131 -13.77 -10.98 -2.72
N PRO A 132 -14.79 -11.05 -3.59
CA PRO A 132 -14.63 -11.80 -4.86
C PRO A 132 -14.12 -10.89 -5.99
N LEU A 133 -13.72 -9.63 -5.68
CA LEU A 133 -13.32 -8.67 -6.72
C LEU A 133 -12.30 -9.20 -7.76
N LEU A 134 -11.16 -9.73 -7.30
CA LEU A 134 -10.14 -10.24 -8.25
C LEU A 134 -10.69 -11.34 -9.16
N GLU A 135 -11.27 -12.38 -8.57
CA GLU A 135 -11.75 -13.52 -9.35
C GLU A 135 -12.92 -13.13 -10.25
N TRP A 136 -13.76 -12.21 -9.78
CA TRP A 136 -14.90 -11.75 -10.59
C TRP A 136 -14.37 -10.92 -11.79
N MET A 137 -13.35 -10.07 -11.55
CA MET A 137 -12.77 -9.31 -12.68
C MET A 137 -12.14 -10.26 -13.72
N LYS A 138 -11.47 -11.34 -13.24
CA LYS A 138 -10.88 -12.33 -14.15
C LYS A 138 -12.00 -13.04 -14.93
N GLU A 139 -13.11 -13.41 -14.25
CA GLU A 139 -14.26 -14.04 -14.89
C GLU A 139 -14.82 -13.12 -16.01
N GLU A 140 -14.94 -11.82 -15.70
CA GLU A 140 -15.48 -10.80 -16.62
C GLU A 140 -14.47 -10.43 -17.72
N GLN A 141 -13.20 -10.89 -17.59
CA GLN A 141 -12.10 -10.59 -18.52
C GLN A 141 -11.91 -9.04 -18.62
N ARG A 142 -11.96 -8.40 -17.45
CA ARG A 142 -11.78 -6.95 -17.28
C ARG A 142 -10.55 -6.75 -16.40
N ASP A 143 -9.55 -6.01 -16.91
CA ASP A 143 -8.29 -5.84 -16.19
C ASP A 143 -7.96 -4.37 -15.84
N GLN A 144 -8.99 -3.51 -15.81
CA GLN A 144 -8.84 -2.10 -15.45
C GLN A 144 -9.83 -1.74 -14.36
N LEU A 145 -9.36 -1.09 -13.29
CA LEU A 145 -10.23 -0.70 -12.19
C LEU A 145 -10.22 0.82 -12.03
N VAL A 146 -11.37 1.44 -12.25
CA VAL A 146 -11.53 2.90 -12.16
C VAL A 146 -12.06 3.15 -10.75
N ILE A 147 -11.27 3.85 -9.93
CA ILE A 147 -11.58 4.01 -8.51
C ILE A 147 -12.08 5.40 -8.13
N VAL A 148 -13.21 5.42 -7.42
CA VAL A 148 -13.83 6.64 -6.88
C VAL A 148 -14.18 6.35 -5.40
N GLY A 149 -14.35 7.40 -4.59
CA GLY A 149 -14.75 7.21 -3.20
C GLY A 149 -13.83 7.79 -2.15
N VAL A 150 -13.91 7.27 -0.92
CA VAL A 150 -13.13 7.74 0.24
C VAL A 150 -12.47 6.54 0.97
N TYR A 151 -11.34 6.72 1.70
CA TYR A 151 -10.52 7.92 1.82
C TYR A 151 -9.27 7.69 0.97
N GLY A 152 -8.82 8.72 0.28
CA GLY A 152 -7.67 8.62 -0.61
C GLY A 152 -6.46 7.84 -0.11
N HIS A 153 -5.80 8.34 0.98
CA HIS A 153 -4.52 7.76 1.45
C HIS A 153 -4.65 6.40 2.15
N ILE A 154 -5.89 5.97 2.43
CA ILE A 154 -6.16 4.73 3.13
C ILE A 154 -6.68 3.66 2.16
N GLY A 155 -7.99 3.56 1.99
CA GLY A 155 -8.60 2.53 1.14
C GLY A 155 -8.33 2.67 -0.35
N ILE A 156 -8.38 3.89 -0.89
CA ILE A 156 -8.13 4.13 -2.32
C ILE A 156 -6.68 3.72 -2.64
N LEU A 157 -5.71 4.19 -1.83
CA LEU A 157 -4.30 3.86 -2.02
C LEU A 157 -4.06 2.35 -1.96
N SER A 158 -4.55 1.69 -0.89
CA SER A 158 -4.36 0.26 -0.68
C SER A 158 -5.00 -0.55 -1.79
N THR A 159 -6.23 -0.16 -2.25
CA THR A 159 -6.90 -0.85 -3.35
C THR A 159 -6.07 -0.70 -4.65
N ALA A 160 -5.59 0.54 -4.93
CA ALA A 160 -4.77 0.78 -6.13
C ALA A 160 -3.46 -0.09 -6.09
N LEU A 161 -2.77 -0.13 -4.92
CA LEU A 161 -1.55 -0.95 -4.76
C LEU A 161 -1.83 -2.45 -4.99
N ASP A 162 -2.90 -2.97 -4.38
CA ASP A 162 -3.29 -4.36 -4.58
C ASP A 162 -3.66 -4.64 -6.03
N ALA A 163 -4.49 -3.77 -6.68
CA ALA A 163 -4.85 -3.94 -8.10
C ALA A 163 -3.60 -4.05 -8.95
N PHE A 164 -2.68 -3.05 -8.84
CA PHE A 164 -1.43 -3.00 -9.59
C PHE A 164 -0.62 -4.32 -9.43
N MET A 165 -0.45 -4.79 -8.18
CA MET A 165 0.30 -6.03 -7.90
C MET A 165 -0.43 -7.28 -8.37
N LEU A 166 -1.76 -7.21 -8.53
CA LEU A 166 -2.57 -8.32 -9.02
C LEU A 166 -2.82 -8.26 -10.54
N ASP A 167 -2.06 -7.42 -11.25
CA ASP A 167 -2.08 -7.25 -12.73
C ASP A 167 -3.35 -6.56 -13.24
N ILE A 168 -3.99 -5.75 -12.37
CA ILE A 168 -5.15 -4.96 -12.72
C ILE A 168 -4.68 -3.50 -12.77
N LYS A 169 -4.93 -2.80 -13.88
CA LYS A 169 -4.55 -1.39 -14.01
C LYS A 169 -5.48 -0.46 -13.19
N PRO A 170 -4.99 0.20 -12.10
CA PRO A 170 -5.87 1.10 -11.36
C PRO A 170 -5.82 2.54 -11.92
N PHE A 171 -7.00 3.13 -12.08
CA PHE A 171 -7.15 4.52 -12.52
C PHE A 171 -7.89 5.22 -11.40
N VAL A 172 -7.21 6.10 -10.68
CA VAL A 172 -7.82 6.84 -9.57
C VAL A 172 -8.39 8.13 -10.14
N ILE A 173 -9.71 8.38 -9.95
CA ILE A 173 -10.32 9.61 -10.47
C ILE A 173 -10.12 10.73 -9.43
N GLY A 174 -9.15 11.61 -9.70
CA GLY A 174 -8.71 12.66 -8.78
C GLY A 174 -9.77 13.59 -8.22
N ASP A 175 -10.74 13.94 -9.07
CA ASP A 175 -11.84 14.83 -8.66
C ASP A 175 -13.08 14.01 -8.24
N ALA A 176 -12.91 12.69 -8.07
CA ALA A 176 -14.01 11.82 -7.60
C ALA A 176 -13.60 10.98 -6.41
N ILE A 177 -12.65 11.52 -5.64
CA ILE A 177 -12.23 10.95 -4.35
C ILE A 177 -12.24 12.08 -3.33
N ALA A 178 -12.20 11.73 -2.04
CA ALA A 178 -12.04 12.71 -0.95
C ALA A 178 -11.16 12.08 0.11
N ASP A 179 -10.65 12.90 1.04
CA ASP A 179 -9.72 12.40 2.03
C ASP A 179 -9.82 13.19 3.33
N PHE A 180 -8.90 12.91 4.28
CA PHE A 180 -8.83 13.60 5.58
C PHE A 180 -8.41 15.06 5.45
N SER A 181 -7.73 15.42 4.34
CA SER A 181 -7.24 16.78 4.08
C SER A 181 -6.87 16.92 2.61
N LYS A 182 -6.66 18.16 2.12
CA LYS A 182 -6.23 18.36 0.73
C LYS A 182 -4.83 17.77 0.49
N GLU A 183 -3.96 17.82 1.51
CA GLU A 183 -2.57 17.30 1.43
C GLU A 183 -2.59 15.79 1.27
N ASP A 184 -3.40 15.08 2.09
CA ASP A 184 -3.53 13.62 1.99
C ASP A 184 -4.06 13.23 0.61
N HIS A 185 -5.06 13.98 0.13
CA HIS A 185 -5.74 13.80 -1.17
C HIS A 185 -4.69 13.94 -2.28
N MET A 186 -3.92 15.04 -2.25
CA MET A 186 -2.86 15.28 -3.25
C MET A 186 -1.76 14.22 -3.19
N ASN A 187 -1.29 13.89 -1.97
CA ASN A 187 -0.23 12.90 -1.76
C ASN A 187 -0.64 11.51 -2.25
N THR A 188 -1.94 11.17 -2.15
CA THR A 188 -2.46 9.91 -2.70
C THR A 188 -2.26 9.91 -4.22
N LEU A 189 -2.69 10.99 -4.89
CA LEU A 189 -2.58 11.11 -6.35
C LEU A 189 -1.13 11.06 -6.79
N LYS A 190 -0.24 11.79 -6.07
CA LYS A 190 1.19 11.82 -6.38
C LYS A 190 1.81 10.43 -6.28
N TYR A 191 1.45 9.65 -5.24
CA TYR A 191 2.00 8.32 -5.05
C TYR A 191 1.54 7.37 -6.18
N VAL A 192 0.22 7.37 -6.45
CA VAL A 192 -0.39 6.52 -7.49
C VAL A 192 0.24 6.80 -8.84
N ALA A 193 0.25 8.08 -9.27
CA ALA A 193 0.81 8.46 -10.57
C ALA A 193 2.28 8.10 -10.76
N SER A 194 3.07 8.11 -9.69
CA SER A 194 4.49 7.80 -9.84
C SER A 194 4.88 6.35 -9.52
N ARG A 195 4.00 5.56 -8.85
CA ARG A 195 4.40 4.23 -8.41
C ARG A 195 3.40 3.11 -8.58
N SER A 196 2.09 3.39 -8.77
CA SER A 196 1.14 2.29 -8.73
C SER A 196 -0.04 2.35 -9.69
N GLY A 197 -0.17 3.41 -10.47
CA GLY A 197 -1.30 3.48 -11.38
C GLY A 197 -1.38 4.77 -12.15
N SER A 198 -2.61 5.10 -12.57
CA SER A 198 -2.89 6.28 -13.37
C SER A 198 -3.89 7.16 -12.65
N VAL A 199 -3.73 8.48 -12.78
CA VAL A 199 -4.61 9.49 -12.18
C VAL A 199 -5.29 10.20 -13.35
N LYS A 200 -6.64 10.13 -13.38
CA LYS A 200 -7.45 10.74 -14.43
C LYS A 200 -8.55 11.62 -13.80
N SER A 201 -9.10 12.53 -14.60
CA SER A 201 -10.21 13.39 -14.17
C SER A 201 -11.53 12.71 -14.60
N VAL A 202 -12.67 13.18 -14.05
CA VAL A 202 -14.01 12.71 -14.44
C VAL A 202 -14.22 12.87 -15.96
N ASP A 203 -13.84 14.05 -16.51
CA ASP A 203 -14.01 14.34 -17.94
C ASP A 203 -13.18 13.40 -18.81
N GLU A 204 -11.95 13.06 -18.37
CA GLU A 204 -11.09 12.10 -19.10
C GLU A 204 -11.74 10.73 -19.11
N PHE A 205 -12.35 10.30 -17.98
CA PHE A 205 -13.08 9.03 -17.92
C PHE A 205 -14.25 9.06 -18.93
N ILE A 206 -15.13 10.10 -18.84
CA ILE A 206 -16.30 10.26 -19.73
C ILE A 206 -15.85 10.22 -21.20
N ASP A 207 -14.78 10.97 -21.54
CA ASP A 207 -14.23 11.03 -22.90
C ASP A 207 -13.74 9.68 -23.42
N SER A 208 -13.12 8.89 -22.54
CA SER A 208 -12.57 7.56 -22.89
C SER A 208 -13.64 6.48 -23.10
N VAL A 209 -14.79 6.60 -22.40
CA VAL A 209 -15.83 5.56 -22.43
C VAL A 209 -17.06 5.89 -23.30
N THR A 210 -17.18 7.14 -23.79
CA THR A 210 -18.30 7.56 -24.63
C THR A 210 -17.84 7.75 -26.09
N ALA B 2 8.70 4.32 -18.83
CA ALA B 2 9.46 3.57 -17.83
C ALA B 2 10.57 4.41 -17.24
N MET B 3 10.62 4.42 -15.91
CA MET B 3 11.60 5.17 -15.11
C MET B 3 12.74 4.25 -14.74
N ALA B 4 13.92 4.85 -14.54
CA ALA B 4 15.09 4.15 -14.03
C ALA B 4 15.11 4.46 -12.54
N ILE B 5 15.65 3.54 -11.71
CA ILE B 5 15.83 3.82 -10.28
C ILE B 5 16.88 4.97 -10.32
N PRO B 6 16.65 6.12 -9.68
CA PRO B 6 17.61 7.22 -9.81
C PRO B 6 18.94 6.97 -9.12
N LYS B 7 19.96 7.81 -9.46
CA LYS B 7 21.27 7.82 -8.81
C LYS B 7 20.95 8.49 -7.49
N ILE B 8 20.80 7.67 -6.45
CA ILE B 8 20.39 8.17 -5.14
C ILE B 8 21.49 9.00 -4.47
N ALA B 9 21.20 10.29 -4.21
CA ALA B 9 22.15 11.18 -3.53
C ALA B 9 22.26 10.78 -2.07
N SER B 10 23.45 10.98 -1.49
CA SER B 10 23.76 10.68 -0.08
C SER B 10 22.91 11.52 0.87
N TYR B 11 22.41 10.89 1.93
CA TYR B 11 21.64 11.57 2.98
C TYR B 11 21.93 10.96 4.34
N GLN B 12 21.77 11.76 5.39
CA GLN B 12 22.01 11.30 6.75
C GLN B 12 20.86 10.45 7.25
N VAL B 13 21.21 9.34 7.92
CA VAL B 13 20.23 8.45 8.55
C VAL B 13 19.50 9.26 9.62
N LEU B 14 18.17 9.21 9.56
CA LEU B 14 17.23 9.95 10.39
C LEU B 14 17.57 9.86 11.89
N PRO B 15 17.76 11.00 12.61
CA PRO B 15 18.03 10.92 14.06
C PRO B 15 16.88 10.19 14.77
N LEU B 16 17.20 9.36 15.77
CA LEU B 16 16.23 8.55 16.52
C LEU B 16 15.12 9.41 17.15
N GLU B 17 15.46 10.64 17.57
CA GLU B 17 14.55 11.61 18.15
C GLU B 17 13.49 12.09 17.14
N SER B 18 13.78 11.98 15.82
CA SER B 18 12.86 12.41 14.74
C SER B 18 11.88 11.33 14.27
N PHE B 19 12.03 10.09 14.75
CA PHE B 19 11.13 8.98 14.38
C PHE B 19 9.69 9.36 14.75
N PRO B 20 8.68 9.11 13.88
CA PRO B 20 7.29 9.45 14.25
C PRO B 20 6.82 8.59 15.43
N THR B 21 5.89 9.12 16.21
CA THR B 21 5.34 8.41 17.37
C THR B 21 4.38 7.31 16.91
N ASN B 22 4.48 6.14 17.54
CA ASN B 22 3.59 5.01 17.25
C ASN B 22 2.19 5.25 17.77
N LYS B 23 1.18 4.91 16.95
CA LYS B 23 -0.22 4.99 17.31
C LYS B 23 -0.62 3.69 17.97
N VAL B 24 0.00 2.55 17.56
CA VAL B 24 -0.28 1.27 18.21
C VAL B 24 0.82 0.99 19.21
N ASP B 25 0.55 0.16 20.22
CA ASP B 25 1.53 -0.08 21.29
C ASP B 25 2.05 -1.52 21.33
N TRP B 26 2.10 -2.16 20.16
CA TRP B 26 2.62 -3.53 20.02
C TRP B 26 4.09 -3.55 20.41
N VAL B 27 4.53 -4.66 20.99
CA VAL B 27 5.90 -4.87 21.39
C VAL B 27 6.42 -6.11 20.65
N ILE B 28 7.63 -6.02 20.08
CA ILE B 28 8.25 -7.15 19.36
C ILE B 28 8.49 -8.29 20.35
N ASP B 29 7.95 -9.47 20.04
CA ASP B 29 8.05 -10.68 20.87
C ASP B 29 8.95 -11.66 20.13
N PRO B 30 10.10 -12.09 20.73
CA PRO B 30 10.99 -13.04 20.03
C PRO B 30 10.34 -14.39 19.69
N LYS B 31 9.27 -14.80 20.43
CA LYS B 31 8.56 -16.05 20.17
C LYS B 31 7.58 -15.93 18.98
N LYS B 32 7.17 -14.70 18.60
CA LYS B 32 6.15 -14.49 17.57
C LYS B 32 6.63 -13.77 16.33
N SER B 33 7.92 -13.41 16.26
CA SER B 33 8.43 -12.59 15.17
C SER B 33 9.34 -13.30 14.16
N VAL B 34 9.48 -12.65 12.99
CA VAL B 34 10.31 -13.05 11.85
C VAL B 34 10.97 -11.76 11.37
N VAL B 35 12.27 -11.82 11.04
CA VAL B 35 12.94 -10.67 10.45
C VAL B 35 12.94 -10.85 8.94
N LEU B 36 12.47 -9.81 8.21
CA LEU B 36 12.50 -9.78 6.76
C LEU B 36 13.61 -8.82 6.31
N VAL B 37 14.59 -9.34 5.56
CA VAL B 37 15.66 -8.54 4.95
C VAL B 37 15.14 -8.34 3.52
N HIS B 38 14.56 -7.18 3.28
CA HIS B 38 13.85 -6.85 2.05
C HIS B 38 14.73 -6.32 0.93
N ASP B 39 14.91 -7.17 -0.11
CA ASP B 39 15.58 -6.90 -1.39
C ASP B 39 16.93 -6.21 -1.27
N LEU B 40 17.76 -6.68 -0.32
CA LEU B 40 19.08 -6.09 -0.12
C LEU B 40 20.08 -6.73 -1.08
N GLN B 41 19.80 -6.58 -2.38
CA GLN B 41 20.59 -7.14 -3.48
C GLN B 41 21.56 -6.09 -4.00
N ALA B 42 22.70 -6.55 -4.55
CA ALA B 42 23.71 -5.66 -5.14
C ALA B 42 23.06 -4.69 -6.14
N TYR B 43 22.16 -5.18 -7.02
CA TYR B 43 21.44 -4.37 -8.02
C TYR B 43 20.78 -3.11 -7.39
N PHE B 44 19.97 -3.29 -6.35
CA PHE B 44 19.28 -2.17 -5.69
C PHE B 44 20.18 -1.26 -4.88
N LEU B 45 21.22 -1.82 -4.25
CA LEU B 45 22.17 -1.06 -3.45
C LEU B 45 23.14 -0.25 -4.31
N ASN B 46 23.40 -0.69 -5.56
CA ASN B 46 24.33 -0.02 -6.47
C ASN B 46 23.85 1.34 -6.95
N PHE B 47 22.57 1.65 -6.71
CA PHE B 47 22.00 2.94 -7.10
C PHE B 47 22.44 4.07 -6.16
N PHE B 48 23.01 3.72 -4.99
CA PHE B 48 23.60 4.67 -4.05
C PHE B 48 25.11 4.57 -4.24
N ASP B 49 25.85 5.55 -3.70
CA ASP B 49 27.30 5.48 -3.58
C ASP B 49 27.39 4.77 -2.23
N LYS B 50 27.74 3.48 -2.25
CA LYS B 50 27.80 2.60 -1.08
C LYS B 50 28.79 3.04 0.02
N THR B 51 29.79 3.89 -0.31
CA THR B 51 30.77 4.37 0.68
C THR B 51 30.21 5.53 1.51
N LEU B 52 29.07 6.13 1.07
CA LEU B 52 28.46 7.28 1.73
C LEU B 52 27.15 6.96 2.45
N SER B 53 26.78 7.80 3.44
CA SER B 53 25.55 7.70 4.21
C SER B 53 24.31 7.63 3.27
N PRO B 54 23.27 6.80 3.53
CA PRO B 54 23.07 5.94 4.72
C PRO B 54 23.56 4.50 4.58
N VAL B 55 24.28 4.16 3.50
CA VAL B 55 24.66 2.76 3.20
C VAL B 55 25.55 2.10 4.30
N PRO B 56 26.76 2.61 4.68
CA PRO B 56 27.53 1.93 5.72
C PRO B 56 26.73 1.63 6.99
N GLU B 57 25.96 2.63 7.49
CA GLU B 57 25.14 2.49 8.70
C GLU B 57 23.97 1.54 8.49
N LEU B 58 23.35 1.54 7.29
CA LEU B 58 22.26 0.63 6.95
C LEU B 58 22.76 -0.83 7.07
N LEU B 59 23.90 -1.16 6.44
CA LEU B 59 24.45 -2.52 6.42
C LEU B 59 24.85 -2.99 7.81
N ARG B 60 25.53 -2.12 8.59
CA ARG B 60 25.93 -2.35 9.97
C ARG B 60 24.66 -2.62 10.81
N ASN B 61 23.61 -1.79 10.63
CA ASN B 61 22.34 -1.89 11.35
C ASN B 61 21.55 -3.15 11.00
N VAL B 62 21.53 -3.55 9.69
CA VAL B 62 20.87 -4.80 9.28
C VAL B 62 21.56 -5.99 9.98
N ASN B 63 22.92 -5.95 10.02
CA ASN B 63 23.72 -6.97 10.69
C ASN B 63 23.40 -7.04 12.19
N LYS B 64 23.24 -5.88 12.88
CA LYS B 64 22.87 -5.84 14.30
C LYS B 64 21.51 -6.56 14.51
N VAL B 65 20.56 -6.31 13.60
CA VAL B 65 19.23 -6.91 13.64
C VAL B 65 19.30 -8.43 13.43
N THR B 66 19.94 -8.89 12.34
CA THR B 66 20.00 -10.34 12.04
C THR B 66 20.78 -11.13 13.09
N GLU B 67 21.91 -10.59 13.60
CA GLU B 67 22.70 -11.31 14.63
C GLU B 67 21.87 -11.49 15.90
N SER B 68 21.15 -10.43 16.34
CA SER B 68 20.28 -10.46 17.52
C SER B 68 19.13 -11.42 17.30
N ALA B 69 18.56 -11.39 16.08
CA ALA B 69 17.45 -12.27 15.73
C ALA B 69 17.86 -13.74 15.84
N ARG B 70 19.00 -14.11 15.20
CA ARG B 70 19.50 -15.49 15.20
C ARG B 70 19.81 -15.99 16.60
N SER B 71 20.35 -15.12 17.47
CA SER B 71 20.64 -15.46 18.86
C SER B 71 19.37 -15.72 19.67
N ALA B 72 18.26 -15.05 19.31
CA ALA B 72 16.97 -15.21 19.98
C ALA B 72 16.07 -16.30 19.33
N GLY B 73 16.58 -16.99 18.31
CA GLY B 73 15.87 -18.04 17.58
C GLY B 73 14.80 -17.49 16.65
N ILE B 74 14.94 -16.22 16.26
CA ILE B 74 13.99 -15.55 15.36
C ILE B 74 14.40 -15.89 13.95
N PRO B 75 13.51 -16.49 13.14
CA PRO B 75 13.88 -16.78 11.74
C PRO B 75 14.16 -15.51 10.96
N VAL B 76 15.13 -15.58 10.06
CA VAL B 76 15.51 -14.47 9.18
C VAL B 76 15.15 -14.91 7.74
N VAL B 77 14.37 -14.09 7.05
CA VAL B 77 13.93 -14.33 5.67
C VAL B 77 14.47 -13.22 4.79
N TYR B 78 15.09 -13.59 3.66
CA TYR B 78 15.56 -12.63 2.67
C TYR B 78 14.66 -12.73 1.46
N THR B 79 14.34 -11.59 0.82
CA THR B 79 13.63 -11.59 -0.45
C THR B 79 14.61 -11.07 -1.47
N ALA B 80 14.52 -11.60 -2.69
CA ALA B 80 15.38 -11.20 -3.79
C ALA B 80 14.63 -11.37 -5.09
N GLN B 81 14.66 -10.35 -5.93
CA GLN B 81 14.05 -10.40 -7.25
C GLN B 81 14.93 -11.26 -8.16
N PRO B 82 14.34 -12.12 -9.03
CA PRO B 82 15.16 -12.93 -9.92
C PRO B 82 15.52 -12.14 -11.19
N ALA B 83 16.62 -12.53 -11.84
CA ALA B 83 17.04 -11.87 -13.07
C ALA B 83 16.14 -12.32 -14.20
N ASN B 84 16.02 -11.47 -15.26
CA ASN B 84 15.33 -11.78 -16.51
C ASN B 84 13.93 -12.33 -16.32
N GLN B 85 13.12 -11.57 -15.60
CA GLN B 85 11.75 -11.93 -15.31
C GLN B 85 10.95 -12.03 -16.60
N ASP B 86 10.18 -13.12 -16.72
CA ASP B 86 9.29 -13.36 -17.85
C ASP B 86 8.32 -12.14 -17.91
N PRO B 87 8.21 -11.43 -19.06
CA PRO B 87 7.31 -10.26 -19.14
C PRO B 87 5.88 -10.52 -18.64
N ASN B 88 5.35 -11.74 -18.85
CA ASN B 88 4.02 -12.12 -18.36
C ASN B 88 3.99 -12.20 -16.83
N GLU B 89 5.10 -12.60 -16.22
CA GLU B 89 5.17 -12.66 -14.77
C GLU B 89 5.44 -11.28 -14.18
N ARG B 90 6.27 -10.47 -14.87
CA ARG B 90 6.62 -9.12 -14.41
C ARG B 90 5.42 -8.16 -14.54
N ALA B 91 4.60 -8.39 -15.59
CA ALA B 91 3.35 -7.67 -15.87
C ALA B 91 3.48 -6.11 -15.82
N LEU B 92 2.67 -5.43 -14.99
CA LEU B 92 2.60 -3.95 -14.93
C LEU B 92 3.83 -3.24 -14.36
N LEU B 93 4.75 -3.96 -13.69
CA LEU B 93 6.01 -3.35 -13.22
C LEU B 93 6.84 -2.80 -14.37
N THR B 94 6.78 -3.46 -15.55
CA THR B 94 7.54 -3.05 -16.74
C THR B 94 7.18 -1.63 -17.19
N ASP B 95 5.87 -1.26 -17.10
CA ASP B 95 5.40 0.08 -17.48
C ASP B 95 5.99 1.18 -16.62
N PHE B 96 6.26 0.89 -15.35
CA PHE B 96 6.89 1.88 -14.46
C PHE B 96 8.41 1.79 -14.42
N TRP B 97 8.97 0.58 -14.39
CA TRP B 97 10.40 0.40 -14.13
C TRP B 97 11.24 -0.31 -15.21
N GLY B 98 10.61 -0.72 -16.30
CA GLY B 98 11.35 -1.42 -17.35
C GLY B 98 11.39 -2.91 -17.11
N VAL B 99 12.28 -3.61 -17.82
CA VAL B 99 12.37 -5.07 -17.80
C VAL B 99 12.90 -5.65 -16.48
N GLY B 100 13.49 -4.83 -15.62
CA GLY B 100 14.00 -5.28 -14.33
C GLY B 100 15.43 -5.75 -14.42
N LEU B 101 15.99 -6.17 -13.28
CA LEU B 101 17.39 -6.61 -13.20
C LEU B 101 17.70 -7.84 -14.07
N THR B 102 18.89 -7.89 -14.64
CA THR B 102 19.37 -8.97 -15.50
C THR B 102 20.61 -9.63 -14.87
N GLN B 103 21.12 -9.03 -13.78
CA GLN B 103 22.30 -9.49 -13.05
C GLN B 103 22.37 -8.79 -11.69
N ASP B 104 23.47 -9.04 -10.93
CA ASP B 104 23.70 -8.46 -9.59
C ASP B 104 22.55 -8.84 -8.63
N THR B 105 22.04 -10.08 -8.77
CA THR B 105 20.93 -10.61 -7.96
C THR B 105 21.37 -11.02 -6.57
N GLU B 106 22.69 -11.21 -6.35
CA GLU B 106 23.14 -11.68 -5.04
C GLU B 106 22.85 -10.68 -3.92
N ILE B 107 22.62 -11.20 -2.71
CA ILE B 107 22.44 -10.38 -1.51
C ILE B 107 23.81 -9.69 -1.34
N VAL B 108 23.84 -8.39 -0.99
CA VAL B 108 25.12 -7.67 -0.78
C VAL B 108 26.01 -8.48 0.22
N PRO B 109 27.33 -8.71 -0.04
CA PRO B 109 28.11 -9.61 0.83
C PRO B 109 28.16 -9.24 2.31
N GLU B 110 28.04 -7.94 2.66
CA GLU B 110 28.05 -7.51 4.07
C GLU B 110 26.94 -8.16 4.89
N VAL B 111 25.77 -8.43 4.25
CA VAL B 111 24.59 -8.99 4.93
C VAL B 111 24.16 -10.34 4.33
N SER B 112 25.12 -11.05 3.73
CA SER B 112 24.95 -12.36 3.09
C SER B 112 24.21 -13.32 4.02
N PRO B 113 23.24 -14.11 3.50
CA PRO B 113 22.48 -15.03 4.37
C PRO B 113 23.30 -16.13 5.02
N GLN B 114 22.88 -16.53 6.22
CA GLN B 114 23.52 -17.62 6.96
C GLN B 114 22.85 -18.93 6.52
N PRO B 115 23.47 -20.12 6.73
CA PRO B 115 22.87 -21.37 6.23
C PRO B 115 21.42 -21.67 6.67
N GLU B 116 21.06 -21.32 7.90
CA GLU B 116 19.73 -21.54 8.49
C GLU B 116 18.65 -20.56 8.00
N ASP B 117 19.05 -19.44 7.38
CA ASP B 117 18.11 -18.42 6.88
C ASP B 117 17.28 -18.90 5.69
N ILE B 118 16.06 -18.35 5.55
CA ILE B 118 15.13 -18.65 4.46
C ILE B 118 15.36 -17.59 3.35
N GLN B 119 15.27 -18.00 2.07
CA GLN B 119 15.43 -17.08 0.93
C GLN B 119 14.27 -17.29 -0.04
N TYR B 120 13.48 -16.23 -0.28
CA TYR B 120 12.34 -16.29 -1.22
C TYR B 120 12.60 -15.41 -2.42
N THR B 121 12.04 -15.84 -3.56
CA THR B 121 12.06 -15.15 -4.84
C THR B 121 10.89 -14.16 -4.79
N LYS B 122 11.21 -12.86 -4.94
CA LYS B 122 10.30 -11.70 -4.88
C LYS B 122 9.79 -11.34 -6.27
N TRP B 123 8.48 -11.08 -6.41
CA TRP B 123 7.88 -10.75 -7.71
C TRP B 123 7.18 -9.39 -7.78
N ARG B 124 6.76 -8.85 -6.62
CA ARG B 124 6.00 -7.59 -6.56
C ARG B 124 6.58 -6.72 -5.45
N TYR B 125 6.07 -5.49 -5.29
CA TYR B 125 6.50 -4.56 -4.23
C TYR B 125 6.36 -5.30 -2.87
N SER B 126 5.20 -5.95 -2.65
CA SER B 126 4.94 -6.70 -1.41
C SER B 126 5.61 -8.07 -1.42
N ALA B 127 6.30 -8.38 -0.32
CA ALA B 127 6.98 -9.67 -0.10
C ALA B 127 5.97 -10.83 0.07
N PHE B 128 4.65 -10.51 0.21
CA PHE B 128 3.60 -11.54 0.36
C PHE B 128 3.08 -12.07 -0.98
N LYS B 129 3.18 -11.28 -2.05
CA LYS B 129 2.63 -11.67 -3.36
C LYS B 129 3.49 -12.72 -4.04
N LYS B 130 2.87 -13.86 -4.42
CA LYS B 130 3.55 -14.96 -5.14
C LYS B 130 4.74 -15.58 -4.37
N THR B 131 4.72 -15.50 -3.03
CA THR B 131 5.75 -16.11 -2.19
C THR B 131 5.05 -17.03 -1.14
N PRO B 132 5.80 -17.85 -0.39
CA PRO B 132 5.17 -18.66 0.67
C PRO B 132 5.15 -17.93 2.01
N LEU B 133 5.52 -16.63 2.05
CA LEU B 133 5.67 -15.88 3.33
C LEU B 133 4.46 -15.99 4.27
N LEU B 134 3.25 -15.68 3.80
CA LEU B 134 2.06 -15.74 4.66
C LEU B 134 1.84 -17.14 5.24
N GLU B 135 1.77 -18.15 4.37
CA GLU B 135 1.50 -19.52 4.82
C GLU B 135 2.61 -20.07 5.68
N TRP B 136 3.85 -19.70 5.39
CA TRP B 136 4.99 -20.14 6.20
C TRP B 136 4.93 -19.49 7.60
N MET B 137 4.57 -18.19 7.67
CA MET B 137 4.44 -17.53 8.97
C MET B 137 3.31 -18.17 9.80
N LYS B 138 2.19 -18.55 9.14
CA LYS B 138 1.09 -19.25 9.81
C LYS B 138 1.57 -20.60 10.31
N GLU B 139 2.34 -21.36 9.48
CA GLU B 139 2.89 -22.65 9.86
C GLU B 139 3.78 -22.50 11.11
N GLU B 140 4.63 -21.46 11.12
CA GLU B 140 5.56 -21.18 12.23
C GLU B 140 4.84 -20.57 13.44
N GLN B 141 3.55 -20.20 13.31
CA GLN B 141 2.75 -19.58 14.36
C GLN B 141 3.43 -18.28 14.84
N ARG B 142 3.92 -17.50 13.86
CA ARG B 142 4.59 -16.22 14.08
C ARG B 142 3.75 -15.16 13.36
N ASP B 143 3.29 -14.13 14.09
CA ASP B 143 2.40 -13.12 13.52
C ASP B 143 2.97 -11.69 13.57
N GLN B 144 4.31 -11.58 13.66
CA GLN B 144 4.99 -10.27 13.66
C GLN B 144 6.09 -10.29 12.61
N LEU B 145 6.13 -9.25 11.78
CA LEU B 145 7.15 -9.15 10.72
C LEU B 145 8.00 -7.89 10.95
N VAL B 146 9.28 -8.09 11.24
CA VAL B 146 10.22 -6.99 11.51
C VAL B 146 10.92 -6.75 10.19
N ILE B 147 10.72 -5.55 9.62
CA ILE B 147 11.18 -5.25 8.28
C ILE B 147 12.40 -4.33 8.23
N VAL B 148 13.42 -4.77 7.47
CA VAL B 148 14.64 -4.02 7.21
C VAL B 148 14.88 -4.07 5.69
N GLY B 149 15.68 -3.15 5.16
CA GLY B 149 16.01 -3.19 3.74
C GLY B 149 15.67 -1.95 2.94
N VAL B 150 15.52 -2.12 1.62
CA VAL B 150 15.23 -1.02 0.71
C VAL B 150 14.08 -1.42 -0.25
N TYR B 151 13.29 -0.47 -0.83
CA TYR B 151 13.29 0.97 -0.57
C TYR B 151 12.06 1.26 0.26
N GLY B 152 12.20 2.16 1.23
CA GLY B 152 11.12 2.51 2.14
C GLY B 152 9.73 2.69 1.54
N HIS B 153 9.55 3.70 0.66
CA HIS B 153 8.22 4.08 0.16
C HIS B 153 7.62 3.11 -0.87
N ILE B 154 8.41 2.14 -1.33
CA ILE B 154 7.99 1.17 -2.35
C ILE B 154 7.73 -0.20 -1.72
N GLY B 155 8.75 -1.06 -1.68
CA GLY B 155 8.61 -2.41 -1.16
C GLY B 155 8.34 -2.53 0.32
N ILE B 156 9.02 -1.71 1.15
CA ILE B 156 8.84 -1.75 2.60
C ILE B 156 7.37 -1.35 2.91
N LEU B 157 6.91 -0.23 2.34
CA LEU B 157 5.55 0.26 2.54
C LEU B 157 4.50 -0.79 2.12
N SER B 158 4.64 -1.33 0.89
CA SER B 158 3.67 -2.30 0.36
C SER B 158 3.67 -3.57 1.16
N THR B 159 4.85 -4.06 1.61
CA THR B 159 4.94 -5.27 2.45
C THR B 159 4.23 -5.00 3.80
N ALA B 160 4.49 -3.82 4.40
CA ALA B 160 3.86 -3.44 5.69
C ALA B 160 2.31 -3.41 5.53
N LEU B 161 1.79 -2.79 4.45
CA LEU B 161 0.33 -2.74 4.20
C LEU B 161 -0.28 -4.15 4.05
N ASP B 162 0.36 -5.01 3.25
CA ASP B 162 -0.12 -6.38 3.05
C ASP B 162 -0.10 -7.15 4.36
N ALA B 163 1.03 -7.10 5.11
CA ALA B 163 1.14 -7.79 6.41
C ALA B 163 -0.02 -7.36 7.30
N PHE B 164 -0.18 -6.03 7.48
CA PHE B 164 -1.24 -5.48 8.32
C PHE B 164 -2.62 -6.02 7.91
N MET B 165 -2.93 -6.01 6.60
CA MET B 165 -4.23 -6.53 6.10
C MET B 165 -4.36 -8.04 6.19
N LEU B 166 -3.23 -8.75 6.27
CA LEU B 166 -3.19 -10.21 6.40
C LEU B 166 -3.07 -10.67 7.88
N ASP B 167 -3.31 -9.75 8.83
CA ASP B 167 -3.29 -9.97 10.29
C ASP B 167 -1.88 -10.22 10.85
N ILE B 168 -0.85 -9.74 10.15
CA ILE B 168 0.54 -9.87 10.60
C ILE B 168 0.96 -8.46 11.01
N LYS B 169 1.49 -8.30 12.23
CA LYS B 169 1.94 -7.00 12.75
C LYS B 169 3.26 -6.58 12.11
N PRO B 170 3.30 -5.53 11.27
CA PRO B 170 4.59 -5.10 10.72
C PRO B 170 5.31 -4.07 11.60
N PHE B 171 6.60 -4.28 11.80
CA PHE B 171 7.46 -3.38 12.55
C PHE B 171 8.55 -2.95 11.61
N VAL B 172 8.53 -1.70 11.17
CA VAL B 172 9.54 -1.18 10.26
C VAL B 172 10.70 -0.61 11.10
N ILE B 173 11.93 -1.10 10.88
CA ILE B 173 13.09 -0.60 11.63
C ILE B 173 13.62 0.65 10.95
N GLY B 174 13.27 1.82 11.51
CA GLY B 174 13.57 3.14 10.93
C GLY B 174 15.01 3.42 10.55
N ASP B 175 15.94 2.95 11.37
CA ASP B 175 17.38 3.16 11.13
C ASP B 175 18.01 1.93 10.44
N ALA B 176 17.18 0.97 9.99
CA ALA B 176 17.67 -0.18 9.24
C ALA B 176 16.95 -0.31 7.87
N ILE B 177 16.49 0.83 7.32
CA ILE B 177 15.92 0.92 5.99
C ILE B 177 16.63 2.08 5.29
N ALA B 178 16.52 2.17 3.97
CA ALA B 178 17.03 3.30 3.22
C ALA B 178 16.04 3.52 2.05
N ASP B 179 16.09 4.70 1.45
CA ASP B 179 15.13 5.06 0.43
C ASP B 179 15.78 5.96 -0.62
N PHE B 180 14.95 6.50 -1.54
CA PHE B 180 15.40 7.39 -2.61
C PHE B 180 15.85 8.74 -2.09
N SER B 181 15.35 9.15 -0.90
CA SER B 181 15.68 10.43 -0.28
C SER B 181 15.32 10.37 1.20
N LYS B 182 15.79 11.37 2.00
CA LYS B 182 15.45 11.41 3.43
C LYS B 182 13.94 11.67 3.62
N GLU B 183 13.31 12.42 2.69
CA GLU B 183 11.88 12.76 2.74
C GLU B 183 11.05 11.51 2.50
N ASP B 184 11.39 10.69 1.47
CA ASP B 184 10.69 9.44 1.19
C ASP B 184 10.79 8.49 2.38
N HIS B 185 12.01 8.42 2.96
CA HIS B 185 12.36 7.58 4.11
C HIS B 185 11.48 7.99 5.31
N MET B 186 11.44 9.29 5.61
CA MET B 186 10.62 9.82 6.71
C MET B 186 9.12 9.61 6.46
N ASN B 187 8.66 9.91 5.24
CA ASN B 187 7.24 9.77 4.87
C ASN B 187 6.76 8.33 4.96
N THR B 188 7.65 7.35 4.68
CA THR B 188 7.34 5.93 4.84
C THR B 188 7.05 5.67 6.32
N LEU B 189 7.95 6.11 7.21
CA LEU B 189 7.80 5.89 8.65
C LEU B 189 6.54 6.56 9.16
N LYS B 190 6.27 7.81 8.72
CA LYS B 190 5.07 8.55 9.14
C LYS B 190 3.79 7.82 8.74
N TYR B 191 3.75 7.27 7.51
CA TYR B 191 2.55 6.55 7.03
C TYR B 191 2.33 5.26 7.85
N VAL B 192 3.39 4.46 8.01
CA VAL B 192 3.34 3.18 8.73
C VAL B 192 2.88 3.42 10.17
N ALA B 193 3.54 4.33 10.90
CA ALA B 193 3.21 4.62 12.30
C ALA B 193 1.77 5.09 12.50
N SER B 194 1.21 5.80 11.55
CA SER B 194 -0.16 6.31 11.72
C SER B 194 -1.26 5.44 11.08
N ARG B 195 -0.92 4.51 10.17
CA ARG B 195 -1.96 3.79 9.44
C ARG B 195 -1.78 2.29 9.24
N SER B 196 -0.56 1.74 9.40
CA SER B 196 -0.38 0.36 9.01
C SER B 196 0.56 -0.49 9.88
N GLY B 197 1.22 0.09 10.85
CA GLY B 197 2.12 -0.71 11.67
C GLY B 197 2.86 0.09 12.73
N SER B 198 4.02 -0.43 13.11
CA SER B 198 4.85 0.17 14.15
C SER B 198 6.23 0.50 13.59
N VAL B 199 6.83 1.58 14.10
CA VAL B 199 8.16 2.04 13.71
C VAL B 199 9.04 1.93 14.95
N LYS B 200 10.10 1.13 14.86
CA LYS B 200 11.03 0.91 15.97
C LYS B 200 12.48 1.14 15.51
N SER B 201 13.39 1.36 16.47
CA SER B 201 14.81 1.55 16.18
C SER B 201 15.50 0.18 16.34
N VAL B 202 16.75 0.06 15.83
CA VAL B 202 17.58 -1.16 15.99
C VAL B 202 17.73 -1.51 17.49
N ASP B 203 18.02 -0.50 18.32
CA ASP B 203 18.20 -0.70 19.77
C ASP B 203 16.94 -1.21 20.46
N GLU B 204 15.76 -0.69 20.04
CA GLU B 204 14.47 -1.15 20.56
C GLU B 204 14.24 -2.62 20.16
N PHE B 205 14.61 -3.01 18.92
CA PHE B 205 14.52 -4.41 18.49
C PHE B 205 15.44 -5.28 19.38
N ILE B 206 16.73 -4.91 19.49
CA ILE B 206 17.72 -5.64 20.31
C ILE B 206 17.21 -5.81 21.76
N ASP B 207 16.70 -4.69 22.36
CA ASP B 207 16.15 -4.68 23.72
C ASP B 207 14.96 -5.61 23.91
N SER B 208 14.08 -5.67 22.91
CA SER B 208 12.87 -6.51 22.93
C SER B 208 13.15 -8.01 22.78
N VAL B 209 14.23 -8.38 22.08
CA VAL B 209 14.51 -9.79 21.77
C VAL B 209 15.64 -10.43 22.61
N THR B 210 16.39 -9.63 23.39
CA THR B 210 17.48 -10.12 24.24
C THR B 210 17.07 -10.07 25.71
#